data_2ADN
#
_entry.id   2ADN
#
_entity_poly.entity_id   1
_entity_poly.type   'polypeptide(L)'
_entity_poly.pdbx_seq_one_letter_code
;MKQRITVTVDSDSYQLLKAYDVNISGLVSTTMQNEARRLRAERWKVENQEGMVEVARFIEMNGSFADENKDW
;
_entity_poly.pdbx_strand_id   A,B
#
# COMPACT_ATOMS: atom_id res chain seq x y z
N MET A 1 -7.09 18.52 5.02
CA MET A 1 -7.19 17.66 6.23
C MET A 1 -6.36 16.38 6.07
N LYS A 2 -6.45 15.50 7.05
CA LYS A 2 -5.71 14.24 7.01
C LYS A 2 -6.58 13.08 7.47
N GLN A 3 -6.23 11.86 7.08
CA GLN A 3 -6.98 10.69 7.46
C GLN A 3 -6.06 9.67 8.10
N ARG A 4 -6.32 9.32 9.35
CA ARG A 4 -5.46 8.37 10.04
C ARG A 4 -5.91 6.94 9.78
N ILE A 5 -5.21 6.29 8.86
CA ILE A 5 -5.49 4.90 8.54
C ILE A 5 -4.45 4.07 9.26
N THR A 6 -4.88 3.33 10.27
CA THR A 6 -3.96 2.56 11.06
C THR A 6 -4.35 1.11 11.19
N VAL A 7 -3.43 0.24 10.76
CA VAL A 7 -3.63 -1.20 10.86
C VAL A 7 -2.85 -1.69 12.07
N THR A 8 -3.57 -1.95 13.18
CA THR A 8 -2.92 -2.41 14.39
C THR A 8 -2.34 -3.79 14.16
N VAL A 9 -1.06 -3.83 13.81
CA VAL A 9 -0.39 -5.09 13.52
C VAL A 9 0.14 -5.79 14.78
N ASP A 10 1.45 -6.04 14.85
CA ASP A 10 2.04 -6.77 15.97
C ASP A 10 1.71 -8.26 15.81
N SER A 11 0.55 -8.52 15.23
CA SER A 11 0.10 -9.86 14.96
C SER A 11 0.12 -10.10 13.45
N ASP A 12 -0.21 -9.05 12.68
CA ASP A 12 -0.22 -9.14 11.23
C ASP A 12 1.22 -9.05 10.70
N SER A 13 1.37 -9.31 9.40
CA SER A 13 2.70 -9.33 8.77
C SER A 13 3.40 -7.98 8.70
N TYR A 14 2.67 -6.89 8.86
CA TYR A 14 3.27 -5.57 8.82
C TYR A 14 4.62 -5.53 9.54
N GLN A 15 4.62 -6.05 10.78
CA GLN A 15 5.81 -6.06 11.61
C GLN A 15 7.01 -6.65 10.88
N LEU A 16 6.78 -7.71 10.10
CA LEU A 16 7.86 -8.36 9.37
C LEU A 16 8.58 -7.37 8.46
N LEU A 17 7.83 -6.63 7.66
CA LEU A 17 8.42 -5.65 6.75
C LEU A 17 9.16 -4.56 7.49
N LYS A 18 8.51 -4.00 8.51
CA LYS A 18 9.11 -2.94 9.30
C LYS A 18 10.22 -3.50 10.17
N ALA A 19 10.09 -4.77 10.46
CA ALA A 19 11.08 -5.46 11.27
C ALA A 19 12.38 -5.55 10.49
N TYR A 20 12.29 -5.36 9.17
CA TYR A 20 13.43 -5.41 8.28
C TYR A 20 13.48 -4.18 7.37
N ASP A 21 12.62 -3.20 7.63
CA ASP A 21 12.59 -2.00 6.80
C ASP A 21 11.36 -1.19 7.14
N VAL A 22 11.32 -0.73 8.37
CA VAL A 22 10.20 0.06 8.87
C VAL A 22 10.05 1.32 8.05
N ASN A 23 9.62 1.09 6.83
CA ASN A 23 9.38 2.09 5.82
C ASN A 23 8.28 1.54 4.96
N ILE A 24 7.13 1.38 5.58
CA ILE A 24 6.01 0.81 4.94
C ILE A 24 4.82 1.72 5.04
N SER A 25 4.74 2.45 6.14
CA SER A 25 3.65 3.35 6.36
C SER A 25 3.35 4.08 5.07
N GLY A 26 4.41 4.61 4.46
CA GLY A 26 4.28 5.27 3.18
C GLY A 26 3.93 4.25 2.11
N LEU A 27 4.56 3.08 2.23
CA LEU A 27 4.33 1.97 1.34
C LEU A 27 2.86 1.62 1.29
N VAL A 28 2.20 1.64 2.46
CA VAL A 28 0.79 1.32 2.52
C VAL A 28 0.04 2.09 1.45
N SER A 29 0.17 3.42 1.49
CA SER A 29 -0.45 4.29 0.50
C SER A 29 0.16 4.08 -0.88
N THR A 30 1.36 3.51 -0.96
CA THR A 30 2.01 3.27 -2.24
C THR A 30 1.43 2.03 -2.89
N THR A 31 1.34 0.96 -2.12
CA THR A 31 0.78 -0.28 -2.61
C THR A 31 -0.62 -0.05 -3.14
N MET A 32 -1.25 1.01 -2.66
CA MET A 32 -2.59 1.38 -3.11
C MET A 32 -2.50 2.09 -4.45
N GLN A 33 -1.55 3.00 -4.57
CA GLN A 33 -1.35 3.74 -5.82
C GLN A 33 -1.29 2.79 -7.00
N ASN A 34 -0.65 1.64 -6.78
CA ASN A 34 -0.55 0.62 -7.82
C ASN A 34 -1.90 -0.05 -8.01
N GLU A 35 -2.50 -0.47 -6.92
CA GLU A 35 -3.83 -1.07 -6.96
C GLU A 35 -4.86 0.01 -7.26
N ALA A 36 -4.42 1.26 -7.15
CA ALA A 36 -5.28 2.42 -7.41
C ALA A 36 -5.25 2.75 -8.89
N ARG A 37 -4.04 2.91 -9.43
CA ARG A 37 -3.90 3.20 -10.85
C ARG A 37 -4.65 2.17 -11.64
N ARG A 38 -4.27 0.92 -11.39
CA ARG A 38 -4.88 -0.19 -12.07
C ARG A 38 -6.38 -0.27 -11.79
N LEU A 39 -6.81 0.38 -10.70
CA LEU A 39 -8.22 0.37 -10.32
C LEU A 39 -9.06 1.11 -11.36
N ARG A 40 -10.13 0.47 -11.82
CA ARG A 40 -11.01 1.04 -12.82
C ARG A 40 -12.30 0.24 -12.92
N ALA A 41 -12.87 -0.12 -11.78
CA ALA A 41 -14.10 -0.90 -11.73
C ALA A 41 -13.89 -2.30 -12.27
N GLU A 42 -13.74 -2.41 -13.59
CA GLU A 42 -13.53 -3.71 -14.23
C GLU A 42 -12.08 -4.15 -14.09
N ARG A 43 -11.89 -5.38 -13.61
CA ARG A 43 -10.55 -5.92 -13.43
C ARG A 43 -10.56 -7.45 -13.56
N TRP A 44 -9.77 -7.97 -14.49
CA TRP A 44 -9.70 -9.41 -14.71
C TRP A 44 -8.36 -9.97 -14.21
N LYS A 45 -8.22 -11.29 -14.32
CA LYS A 45 -6.98 -11.95 -13.88
C LYS A 45 -6.96 -13.40 -14.36
N VAL A 46 -7.76 -14.24 -13.71
CA VAL A 46 -7.83 -15.66 -14.07
C VAL A 46 -6.51 -16.38 -13.76
N GLU A 47 -5.47 -16.05 -14.52
CA GLU A 47 -4.16 -16.66 -14.33
C GLU A 47 -3.07 -15.82 -14.98
N ASN A 48 -2.23 -15.22 -14.15
CA ASN A 48 -1.14 -14.37 -14.63
C ASN A 48 0.18 -14.77 -13.99
N GLN A 49 1.19 -14.99 -14.82
CA GLN A 49 2.52 -15.38 -14.33
C GLN A 49 3.48 -15.56 -15.50
N GLU A 50 4.44 -14.64 -15.63
CA GLU A 50 5.42 -14.70 -16.70
C GLU A 50 6.66 -13.88 -16.35
N GLY A 51 7.78 -14.58 -16.15
CA GLY A 51 9.01 -13.90 -15.82
C GLY A 51 9.28 -13.84 -14.33
N MET A 52 8.21 -13.87 -13.54
CA MET A 52 8.33 -13.82 -12.09
C MET A 52 8.95 -12.49 -11.64
N VAL A 53 10.26 -12.37 -11.78
CA VAL A 53 10.96 -11.15 -11.40
C VAL A 53 11.51 -10.42 -12.62
N GLU A 54 12.13 -11.18 -13.52
CA GLU A 54 12.69 -10.62 -14.74
C GLU A 54 12.24 -11.45 -15.95
N VAL A 55 13.03 -12.47 -16.30
CA VAL A 55 12.71 -13.33 -17.43
C VAL A 55 13.41 -14.67 -17.25
N ALA A 56 13.69 -15.01 -16.00
CA ALA A 56 14.38 -16.23 -15.68
C ALA A 56 14.37 -16.40 -14.18
N ARG A 57 15.17 -15.55 -13.54
CA ARG A 57 15.26 -15.52 -12.10
C ARG A 57 16.58 -14.89 -11.66
N PHE A 58 16.51 -13.84 -10.84
CA PHE A 58 17.71 -13.16 -10.37
C PHE A 58 17.65 -12.91 -8.86
N ILE A 59 17.28 -11.70 -8.45
CA ILE A 59 17.20 -11.36 -7.04
C ILE A 59 18.54 -11.55 -6.35
N GLU A 60 18.72 -10.90 -5.21
CA GLU A 60 19.97 -11.01 -4.45
C GLU A 60 19.69 -11.18 -2.96
N MET A 61 20.27 -12.23 -2.37
CA MET A 61 20.08 -12.51 -0.96
C MET A 61 21.41 -12.44 -0.22
N ASN A 62 21.43 -11.68 0.88
CA ASN A 62 22.64 -11.52 1.68
C ASN A 62 22.72 -12.60 2.75
N GLY A 63 21.57 -13.09 3.19
CA GLY A 63 21.55 -14.12 4.21
C GLY A 63 20.37 -13.98 5.16
N SER A 64 20.66 -13.53 6.38
CA SER A 64 19.62 -13.35 7.39
C SER A 64 19.95 -12.16 8.29
N PHE A 65 19.55 -10.96 7.86
CA PHE A 65 19.80 -9.75 8.62
C PHE A 65 18.48 -9.15 9.13
N ALA A 66 18.42 -8.89 10.43
CA ALA A 66 17.22 -8.33 11.03
C ALA A 66 17.05 -6.85 10.63
N ASP A 67 17.28 -5.94 11.57
CA ASP A 67 17.14 -4.51 11.30
C ASP A 67 17.29 -3.69 12.59
N GLU A 68 18.23 -4.11 13.43
CA GLU A 68 18.48 -3.43 14.70
C GLU A 68 19.96 -3.47 15.05
N ASN A 69 20.45 -2.41 15.68
CA ASN A 69 21.85 -2.32 16.08
C ASN A 69 22.07 -2.91 17.47
N LYS A 70 21.03 -2.85 18.30
CA LYS A 70 21.10 -3.37 19.65
C LYS A 70 22.16 -2.63 20.46
N ASP A 71 22.30 -3.02 21.73
CA ASP A 71 23.28 -2.39 22.62
C ASP A 71 24.60 -3.15 22.59
N TRP A 72 25.69 -2.46 22.94
CA TRP A 72 27.01 -3.07 22.96
C TRP A 72 27.95 -2.29 23.87
N MET B 1 1.42 -6.37 23.07
CA MET B 1 -0.01 -6.70 22.78
C MET B 1 -0.34 -6.46 21.31
N LYS B 2 -0.28 -5.20 20.89
CA LYS B 2 -0.56 -4.84 19.51
C LYS B 2 0.30 -3.66 19.05
N GLN B 3 0.46 -3.51 17.74
CA GLN B 3 1.26 -2.42 17.20
C GLN B 3 0.40 -1.58 16.27
N ARG B 4 0.26 -0.30 16.60
CA ARG B 4 -0.55 0.59 15.78
C ARG B 4 0.27 1.31 14.73
N ILE B 5 0.19 0.83 13.50
CA ILE B 5 0.88 1.47 12.40
C ILE B 5 -0.10 2.43 11.75
N THR B 6 0.15 3.72 11.93
CA THR B 6 -0.77 4.71 11.40
C THR B 6 -0.17 5.56 10.31
N VAL B 7 -0.65 5.33 9.11
CA VAL B 7 -0.25 6.10 7.95
C VAL B 7 -1.32 7.14 7.66
N THR B 8 -1.28 8.26 8.38
CA THR B 8 -2.27 9.31 8.17
C THR B 8 -2.26 9.73 6.71
N VAL B 9 -3.10 9.07 5.92
CA VAL B 9 -3.17 9.32 4.49
C VAL B 9 -4.04 10.54 4.15
N ASP B 10 -5.23 10.33 3.57
CA ASP B 10 -6.09 11.45 3.15
C ASP B 10 -5.48 12.10 1.92
N SER B 11 -4.17 12.24 1.95
CA SER B 11 -3.41 12.79 0.85
C SER B 11 -2.77 11.67 0.06
N ASP B 12 -2.25 10.68 0.78
CA ASP B 12 -1.62 9.52 0.16
C ASP B 12 -2.67 8.65 -0.53
N SER B 13 -2.20 7.67 -1.29
CA SER B 13 -3.06 6.78 -2.06
C SER B 13 -3.94 5.84 -1.25
N TYR B 14 -3.61 5.63 0.01
CA TYR B 14 -4.42 4.74 0.84
C TYR B 14 -5.90 4.96 0.58
N GLN B 15 -6.31 6.22 0.73
CA GLN B 15 -7.70 6.61 0.55
C GLN B 15 -8.26 6.12 -0.78
N LEU B 16 -7.43 6.14 -1.82
CA LEU B 16 -7.85 5.70 -3.14
C LEU B 16 -8.37 4.27 -3.10
N LEU B 17 -7.73 3.42 -2.30
CA LEU B 17 -8.12 2.03 -2.18
C LEU B 17 -9.36 1.87 -1.31
N LYS B 18 -9.39 2.58 -0.18
CA LYS B 18 -10.52 2.49 0.74
C LYS B 18 -11.72 3.21 0.17
N ALA B 19 -11.43 4.17 -0.67
CA ALA B 19 -12.48 4.93 -1.33
C ALA B 19 -13.33 4.01 -2.20
N TYR B 20 -12.70 2.93 -2.65
CA TYR B 20 -13.38 1.97 -3.49
C TYR B 20 -13.14 0.55 -2.98
N ASP B 21 -12.71 0.41 -1.73
CA ASP B 21 -12.44 -0.91 -1.17
C ASP B 21 -11.74 -0.77 0.16
N VAL B 22 -12.43 -0.14 1.10
CA VAL B 22 -11.90 0.07 2.44
C VAL B 22 -11.67 -1.28 3.11
N ASN B 23 -10.68 -1.95 2.56
CA ASN B 23 -10.23 -3.26 2.97
C ASN B 23 -8.75 -3.29 2.67
N ILE B 24 -8.02 -2.48 3.39
CA ILE B 24 -6.60 -2.37 3.16
C ILE B 24 -5.83 -2.44 4.42
N SER B 25 -6.39 -1.92 5.48
CA SER B 25 -5.67 -1.92 6.73
C SER B 25 -5.11 -3.32 6.99
N GLY B 26 -5.99 -4.31 6.96
CA GLY B 26 -5.56 -5.68 7.13
C GLY B 26 -4.69 -6.11 5.97
N LEU B 27 -5.01 -5.55 4.80
CA LEU B 27 -4.26 -5.81 3.59
C LEU B 27 -2.83 -5.36 3.75
N VAL B 28 -2.66 -4.15 4.29
CA VAL B 28 -1.33 -3.59 4.50
C VAL B 28 -0.38 -4.66 5.00
N SER B 29 -0.74 -5.27 6.12
CA SER B 29 0.06 -6.34 6.73
C SER B 29 0.18 -7.57 5.82
N THR B 30 -0.75 -7.74 4.88
CA THR B 30 -0.70 -8.89 3.97
C THR B 30 0.38 -8.67 2.95
N THR B 31 0.34 -7.49 2.34
CA THR B 31 1.32 -7.13 1.34
C THR B 31 2.72 -7.27 1.94
N MET B 32 2.77 -7.19 3.25
CA MET B 32 4.03 -7.31 3.97
C MET B 32 4.44 -8.77 4.05
N GLN B 33 3.48 -9.64 4.38
CA GLN B 33 3.76 -11.06 4.47
C GLN B 33 4.49 -11.55 3.22
N ASN B 34 4.07 -11.01 2.07
CA ASN B 34 4.70 -11.38 0.81
C ASN B 34 6.03 -10.66 0.69
N GLU B 35 6.04 -9.39 1.05
CA GLU B 35 7.27 -8.61 1.02
C GLU B 35 8.11 -8.99 2.24
N ALA B 36 7.51 -9.76 3.14
CA ALA B 36 8.17 -10.23 4.36
C ALA B 36 8.96 -11.48 4.06
N ARG B 37 8.31 -12.46 3.44
CA ARG B 37 8.98 -13.68 3.08
C ARG B 37 10.08 -13.39 2.10
N ARG B 38 9.68 -12.76 1.01
CA ARG B 38 10.60 -12.43 -0.04
C ARG B 38 11.56 -11.32 0.38
N LEU B 39 11.18 -10.53 1.39
CA LEU B 39 11.98 -9.42 1.88
C LEU B 39 12.85 -8.80 0.78
N ARG B 40 12.19 -8.15 -0.17
CA ARG B 40 12.88 -7.51 -1.28
C ARG B 40 12.08 -6.31 -1.80
N ALA B 41 11.79 -5.39 -0.89
CA ALA B 41 11.02 -4.20 -1.23
C ALA B 41 11.68 -3.41 -2.36
N GLU B 42 11.24 -2.17 -2.56
CA GLU B 42 11.78 -1.32 -3.60
C GLU B 42 11.59 0.15 -3.25
N ARG B 43 12.37 1.02 -3.88
CA ARG B 43 12.28 2.45 -3.64
C ARG B 43 11.93 3.21 -4.92
N TRP B 44 10.72 3.73 -4.98
CA TRP B 44 10.26 4.47 -6.15
C TRP B 44 8.93 5.15 -5.87
N LYS B 45 8.98 6.29 -5.18
CA LYS B 45 7.77 7.04 -4.85
C LYS B 45 7.39 7.97 -5.99
N VAL B 46 6.40 8.83 -5.74
CA VAL B 46 5.93 9.77 -6.75
C VAL B 46 6.85 10.99 -6.82
N GLU B 47 6.80 11.69 -7.95
CA GLU B 47 7.63 12.88 -8.15
C GLU B 47 6.83 14.15 -7.87
N ASN B 48 5.92 14.48 -8.79
CA ASN B 48 5.10 15.67 -8.64
C ASN B 48 3.62 15.30 -8.56
N GLN B 49 2.76 16.33 -8.46
CA GLN B 49 1.33 16.11 -8.37
C GLN B 49 0.61 16.73 -9.57
N GLU B 50 -0.69 16.49 -9.65
CA GLU B 50 -1.50 17.03 -10.75
C GLU B 50 -2.45 18.12 -10.25
N GLY B 51 -3.33 17.75 -9.32
CA GLY B 51 -4.27 18.69 -8.78
C GLY B 51 -5.49 18.88 -9.67
N MET B 52 -5.79 17.87 -10.47
CA MET B 52 -6.93 17.91 -11.37
C MET B 52 -7.17 16.56 -12.04
N VAL B 53 -8.03 15.76 -11.42
CA VAL B 53 -8.34 14.43 -11.95
C VAL B 53 -8.88 14.52 -13.37
N GLU B 54 -9.71 15.52 -13.64
CA GLU B 54 -10.29 15.70 -14.96
C GLU B 54 -10.25 17.17 -15.38
N VAL B 55 -11.36 17.89 -15.16
CA VAL B 55 -11.51 19.31 -15.50
C VAL B 55 -12.92 19.58 -15.99
N ALA B 56 -13.79 20.01 -15.08
CA ALA B 56 -15.17 20.27 -15.41
C ALA B 56 -15.83 20.90 -14.22
N ARG B 57 -15.93 20.11 -13.18
CA ARG B 57 -16.49 20.57 -11.94
C ARG B 57 -16.42 19.50 -10.86
N PHE B 58 -15.98 19.89 -9.68
CA PHE B 58 -15.86 18.96 -8.56
C PHE B 58 -15.71 19.71 -7.24
N ILE B 59 -16.80 20.35 -6.80
CA ILE B 59 -16.79 21.10 -5.55
C ILE B 59 -16.84 20.17 -4.34
N GLU B 60 -16.68 20.73 -3.15
CA GLU B 60 -16.69 19.95 -1.92
C GLU B 60 -17.82 18.91 -1.92
N MET B 61 -17.48 17.68 -1.55
CA MET B 61 -18.47 16.59 -1.52
C MET B 61 -18.49 15.93 -0.15
N ASN B 62 -19.62 15.28 0.16
CA ASN B 62 -19.78 14.60 1.44
C ASN B 62 -19.80 13.09 1.25
N GLY B 63 -20.28 12.64 0.09
CA GLY B 63 -20.34 11.22 -0.19
C GLY B 63 -21.73 10.77 -0.60
N SER B 64 -21.85 9.51 -1.00
CA SER B 64 -23.14 8.95 -1.41
C SER B 64 -23.05 7.44 -1.56
N PHE B 65 -22.17 6.97 -2.43
CA PHE B 65 -22.00 5.54 -2.67
C PHE B 65 -20.52 5.17 -2.69
N ALA B 66 -20.22 3.93 -2.30
CA ALA B 66 -18.85 3.44 -2.27
C ALA B 66 -18.03 4.16 -1.23
N ASP B 67 -17.72 5.40 -1.52
CA ASP B 67 -16.93 6.25 -0.64
C ASP B 67 -16.74 7.64 -1.24
N GLU B 68 -16.50 7.67 -2.55
CA GLU B 68 -16.30 8.93 -3.25
C GLU B 68 -16.82 8.84 -4.69
N ASN B 69 -17.94 8.14 -4.87
CA ASN B 69 -18.53 7.98 -6.18
C ASN B 69 -19.75 8.90 -6.35
N LYS B 70 -20.36 8.85 -7.52
CA LYS B 70 -21.52 9.68 -7.82
C LYS B 70 -22.77 8.82 -8.01
N ASP B 71 -22.76 8.02 -9.09
CA ASP B 71 -23.89 7.14 -9.38
C ASP B 71 -23.41 5.74 -9.74
N TRP B 72 -22.74 5.62 -10.88
CA TRP B 72 -22.24 4.33 -11.33
C TRP B 72 -20.75 4.18 -11.02
#